data_7PGJ
#
_entry.id   7PGJ
#
_cell.length_a   60.750
_cell.length_b   124.950
_cell.length_c   102.340
_cell.angle_alpha   90.000
_cell.angle_beta   90.000
_cell.angle_gamma   90.000
#
_symmetry.space_group_name_H-M   'C 2 2 21'
#
loop_
_entity.id
_entity.type
_entity.pdbx_description
1 polymer 'Carminomycin 4-O-methyltransferase DnrK,Methyltransferase domain-containing protein,Aclacinomycin 10-hydroxylase RdmB'
2 non-polymer S-ADENOSYL-L-HOMOCYSTEINE
3 non-polymer 'methyl (1R,2R,4S)-2-ethyl-7-methoxy-2,4,5-tris(oxidanyl)-6,11-bis(oxidanylidene)-3,4-dihydro-1H-tetracene-1-carboxylate'
4 water water
#
_entity_poly.entity_id   1
_entity_poly.type   'polypeptide(L)'
_entity_poly.pdbx_seq_one_letter_code
;MAHHHHHHHRSTAEPTVAARPQQIDALRTLIRLGSLHTPMVVRTAATLRLVDHILAGARTVKALAARTDTRPEALLRLIR
HLVAIGLLEEDAPGEFVPTEVGELLADDHPAAQRAWHDLTQAVARADISFTRLPDAIRTGRPTYESIYGKPFYEDLAGRP
DLRASFDSLMTTREDTAFAAPAAAYDWTNVRHVLDVGGGKGGFAAAIARRAPHVSATVLEMAGTVDTARSYLKDEGLSDR
VDVVEGDFFEPLPRKADAIILSFVLLNWPDHDAVRILTRCAEALEPGGRILIHERADVEGDGADRFGSTLLDLRMLVFLG
GALRTREKWDGLAASAGLVVEEVRGPLVSPNVPLDSCLLVLAPAATGA
;
_entity_poly.pdbx_strand_id   A
#
loop_
_chem_comp.id
_chem_comp.type
_chem_comp.name
_chem_comp.formula
SAH non-polymer S-ADENOSYL-L-HOMOCYSTEINE 'C14 H20 N6 O5 S'
ZBX non-polymer 'methyl (1R,2R,4S)-2-ethyl-7-methoxy-2,4,5-tris(oxidanyl)-6,11-bis(oxidanylidene)-3,4-dihydro-1H-tetracene-1-carboxylate' 'C23 H22 O8'
#
# COMPACT_ATOMS: atom_id res chain seq x y z
N ASP A 25 -2.54 -8.00 -35.61
CA ASP A 25 -2.35 -6.74 -34.91
C ASP A 25 -3.32 -6.59 -33.73
N ALA A 26 -4.60 -6.34 -34.03
CA ALA A 26 -5.61 -6.36 -32.98
C ALA A 26 -5.62 -7.69 -32.26
N LEU A 27 -5.35 -8.78 -32.98
CA LEU A 27 -5.35 -10.10 -32.36
C LEU A 27 -4.18 -10.23 -31.39
N ARG A 28 -2.98 -9.79 -31.80
CA ARG A 28 -1.83 -9.85 -30.90
C ARG A 28 -2.04 -8.95 -29.68
N THR A 29 -2.59 -7.75 -29.89
CA THR A 29 -2.88 -6.86 -28.78
C THR A 29 -3.81 -7.52 -27.76
N LEU A 30 -4.93 -8.10 -28.22
CA LEU A 30 -5.85 -8.74 -27.30
C LEU A 30 -5.19 -9.91 -26.59
N ILE A 31 -4.43 -10.74 -27.31
CA ILE A 31 -3.79 -11.89 -26.69
C ILE A 31 -2.81 -11.46 -25.59
N ARG A 32 -2.07 -10.37 -25.80
CA ARG A 32 -1.13 -9.90 -24.77
C ARG A 32 -1.87 -9.34 -23.55
N LEU A 33 -2.96 -8.61 -23.78
CA LEU A 33 -3.73 -8.06 -22.66
C LEU A 33 -4.35 -9.16 -21.82
N GLY A 34 -4.79 -10.25 -22.46
CA GLY A 34 -5.43 -11.33 -21.74
C GLY A 34 -4.51 -12.37 -21.14
N SER A 35 -3.19 -12.21 -21.27
CA SER A 35 -2.23 -13.25 -20.93
C SER A 35 -2.03 -13.32 -19.42
N LEU A 36 -2.27 -14.49 -18.85
CA LEU A 36 -1.97 -14.74 -17.45
C LEU A 36 -0.53 -15.20 -17.25
N HIS A 37 0.07 -15.85 -18.24
CA HIS A 37 1.42 -16.39 -18.04
C HIS A 37 2.43 -15.29 -17.80
N THR A 38 2.32 -14.16 -18.51
CA THR A 38 3.34 -13.11 -18.41
C THR A 38 3.41 -12.50 -17.01
N PRO A 39 2.32 -12.02 -16.39
CA PRO A 39 2.45 -11.52 -15.01
C PRO A 39 2.90 -12.57 -14.01
N MET A 40 2.49 -13.84 -14.19
CA MET A 40 2.98 -14.86 -13.25
C MET A 40 4.46 -15.17 -13.48
N VAL A 41 4.95 -15.02 -14.71
CA VAL A 41 6.38 -15.18 -14.94
C VAL A 41 7.14 -14.06 -14.24
N VAL A 42 6.66 -12.83 -14.35
CA VAL A 42 7.29 -11.70 -13.65
C VAL A 42 7.30 -11.94 -12.16
N ARG A 43 6.16 -12.32 -11.59
CA ARG A 43 6.08 -12.54 -10.14
C ARG A 43 6.91 -13.72 -9.69
N THR A 44 7.00 -14.77 -10.51
CA THR A 44 7.87 -15.89 -10.17
C THR A 44 9.33 -15.45 -10.14
N ALA A 45 9.75 -14.67 -11.14
CA ALA A 45 11.10 -14.13 -11.16
C ALA A 45 11.37 -13.29 -9.91
N ALA A 46 10.39 -12.50 -9.49
CA ALA A 46 10.57 -11.68 -8.29
C ALA A 46 10.66 -12.54 -7.04
N THR A 47 9.78 -13.54 -6.94
CA THR A 47 9.76 -14.40 -5.76
C THR A 47 11.06 -15.17 -5.64
N LEU A 48 11.58 -15.66 -6.77
CA LEU A 48 12.84 -16.39 -6.80
C LEU A 48 14.06 -15.49 -6.59
N ARG A 49 13.87 -14.17 -6.59
CA ARG A 49 14.97 -13.21 -6.46
C ARG A 49 15.99 -13.44 -7.57
N LEU A 50 15.47 -13.72 -8.77
CA LEU A 50 16.30 -14.11 -9.90
C LEU A 50 17.30 -13.01 -10.27
N VAL A 51 16.84 -11.77 -10.37
CA VAL A 51 17.74 -10.70 -10.77
C VAL A 51 18.80 -10.44 -9.70
N ASP A 52 18.43 -10.53 -8.41
CA ASP A 52 19.43 -10.40 -7.35
C ASP A 52 20.52 -11.46 -7.47
N HIS A 53 20.12 -12.72 -7.69
CA HIS A 53 21.10 -13.79 -7.83
C HIS A 53 22.01 -13.57 -9.04
N ILE A 54 21.46 -13.07 -10.15
CA ILE A 54 22.31 -12.74 -11.31
C ILE A 54 23.29 -11.63 -10.95
N LEU A 55 22.83 -10.59 -10.27
CA LEU A 55 23.70 -9.46 -9.93
C LEU A 55 24.71 -9.82 -8.84
N ALA A 56 24.43 -10.84 -8.04
CA ALA A 56 25.37 -11.33 -7.04
C ALA A 56 26.35 -12.35 -7.61
N GLY A 57 26.36 -12.54 -8.92
CA GLY A 57 27.39 -13.34 -9.56
C GLY A 57 26.96 -14.68 -10.11
N ALA A 58 25.67 -14.98 -10.17
CA ALA A 58 25.22 -16.24 -10.79
C ALA A 58 25.19 -16.02 -12.29
N ARG A 59 26.21 -16.53 -12.98
CA ARG A 59 26.41 -16.29 -14.39
C ARG A 59 25.81 -17.36 -15.30
N THR A 60 25.60 -18.57 -14.79
CA THR A 60 25.10 -19.69 -15.59
C THR A 60 23.70 -20.09 -15.13
N VAL A 61 22.98 -20.80 -16.01
CA VAL A 61 21.66 -21.26 -15.63
C VAL A 61 21.78 -22.31 -14.52
N LYS A 62 22.88 -23.08 -14.51
CA LYS A 62 23.11 -24.04 -13.43
C LYS A 62 23.36 -23.34 -12.09
N ALA A 63 24.14 -22.27 -12.09
CA ALA A 63 24.32 -21.52 -10.85
C ALA A 63 23.00 -20.87 -10.40
N LEU A 64 22.27 -20.26 -11.34
CA LEU A 64 20.99 -19.64 -11.00
C LEU A 64 20.01 -20.67 -10.45
N ALA A 65 19.92 -21.83 -11.10
CA ALA A 65 19.06 -22.91 -10.63
C ALA A 65 19.43 -23.34 -9.21
N ALA A 66 20.73 -23.43 -8.93
CA ALA A 66 21.17 -23.85 -7.61
C ALA A 66 20.83 -22.82 -6.55
N ARG A 67 21.03 -21.53 -6.86
CA ARG A 67 20.73 -20.48 -5.88
C ARG A 67 19.23 -20.34 -5.62
N THR A 68 18.40 -20.60 -6.63
CA THR A 68 16.95 -20.49 -6.46
C THR A 68 16.30 -21.82 -6.10
N ASP A 69 17.06 -22.92 -6.10
CA ASP A 69 16.53 -24.25 -5.77
C ASP A 69 15.41 -24.66 -6.73
N THR A 70 15.67 -24.51 -8.02
CA THR A 70 14.71 -24.85 -9.07
C THR A 70 15.36 -25.83 -10.03
N ARG A 71 14.52 -26.46 -10.86
CA ARG A 71 15.01 -27.35 -11.89
C ARG A 71 15.63 -26.54 -13.01
N PRO A 72 16.83 -26.90 -13.49
CA PRO A 72 17.48 -26.10 -14.54
C PRO A 72 16.71 -26.05 -15.85
N GLU A 73 16.11 -27.18 -16.29
CA GLU A 73 15.32 -27.15 -17.52
C GLU A 73 14.09 -26.27 -17.37
N ALA A 74 13.41 -26.35 -16.23
CA ALA A 74 12.24 -25.50 -16.03
C ALA A 74 12.64 -24.03 -15.91
N LEU A 75 13.73 -23.73 -15.19
CA LEU A 75 14.16 -22.34 -15.04
C LEU A 75 14.48 -21.72 -16.40
N LEU A 76 15.10 -22.49 -17.29
CA LEU A 76 15.44 -21.97 -18.61
C LEU A 76 14.17 -21.62 -19.39
N ARG A 77 13.12 -22.42 -19.26
CA ARG A 77 11.87 -22.11 -19.95
C ARG A 77 11.24 -20.84 -19.39
N LEU A 78 11.38 -20.61 -18.08
CA LEU A 78 10.97 -19.32 -17.49
C LEU A 78 11.81 -18.19 -18.04
N ILE A 79 13.13 -18.36 -18.05
CA ILE A 79 14.05 -17.34 -18.57
C ILE A 79 13.73 -17.01 -20.02
N ARG A 80 13.37 -18.03 -20.82
CA ARG A 80 13.02 -17.76 -22.22
C ARG A 80 11.87 -16.77 -22.33
N HIS A 81 10.85 -16.90 -21.47
CA HIS A 81 9.79 -15.90 -21.52
C HIS A 81 10.25 -14.56 -20.95
N LEU A 82 11.14 -14.59 -19.95
CA LEU A 82 11.65 -13.33 -19.42
C LEU A 82 12.46 -12.58 -20.47
N VAL A 83 13.16 -13.31 -21.35
CA VAL A 83 13.85 -12.66 -22.48
C VAL A 83 12.85 -12.14 -23.51
N ALA A 84 11.82 -12.93 -23.82
CA ALA A 84 10.83 -12.52 -24.80
C ALA A 84 10.07 -11.25 -24.40
N ILE A 85 9.84 -11.01 -23.10
CA ILE A 85 9.16 -9.79 -22.69
C ILE A 85 10.13 -8.67 -22.30
N GLY A 86 11.43 -8.88 -22.47
CA GLY A 86 12.38 -7.79 -22.27
C GLY A 86 12.82 -7.51 -20.85
N LEU A 87 12.73 -8.49 -19.95
CA LEU A 87 13.27 -8.33 -18.60
C LEU A 87 14.68 -8.87 -18.48
N LEU A 88 15.02 -9.88 -19.27
CA LEU A 88 16.38 -10.40 -19.33
C LEU A 88 16.82 -10.38 -20.78
N GLU A 89 18.14 -10.38 -20.98
CA GLU A 89 18.72 -10.55 -22.29
C GLU A 89 19.93 -11.45 -22.14
N GLU A 90 20.26 -12.14 -23.23
CA GLU A 90 21.45 -13.00 -23.26
C GLU A 90 22.64 -12.16 -23.69
N ASP A 91 23.63 -12.05 -22.81
CA ASP A 91 24.85 -11.33 -23.16
C ASP A 91 25.77 -12.23 -23.97
N ALA A 92 26.36 -13.22 -23.33
CA ALA A 92 27.08 -14.34 -23.92
C ALA A 92 26.17 -15.56 -23.97
N PRO A 93 26.52 -16.57 -24.80
CA PRO A 93 25.73 -17.82 -24.80
C PRO A 93 25.52 -18.39 -23.41
N GLY A 94 24.27 -18.58 -23.02
CA GLY A 94 23.92 -19.15 -21.73
C GLY A 94 24.06 -18.20 -20.54
N GLU A 95 24.38 -16.93 -20.77
CA GLU A 95 24.62 -15.96 -19.70
C GLU A 95 23.55 -14.88 -19.80
N PHE A 96 22.64 -14.86 -18.85
CA PHE A 96 21.47 -13.99 -18.89
C PHE A 96 21.63 -12.85 -17.89
N VAL A 97 21.27 -11.64 -18.31
CA VAL A 97 21.44 -10.45 -17.49
C VAL A 97 20.20 -9.58 -17.57
N PRO A 98 19.93 -8.81 -16.51
CA PRO A 98 18.75 -7.94 -16.54
C PRO A 98 18.90 -6.82 -17.55
N THR A 99 17.81 -6.49 -18.22
CA THR A 99 17.74 -5.28 -19.00
C THR A 99 17.54 -4.08 -18.07
N GLU A 100 17.39 -2.90 -18.66
CA GLU A 100 17.09 -1.71 -17.88
C GLU A 100 15.77 -1.85 -17.13
N VAL A 101 14.79 -2.55 -17.71
CA VAL A 101 13.54 -2.81 -17.01
C VAL A 101 13.71 -3.92 -15.97
N GLY A 102 14.46 -4.98 -16.32
CA GLY A 102 14.67 -6.07 -15.37
C GLY A 102 15.38 -5.63 -14.11
N GLU A 103 16.18 -4.57 -14.20
CA GLU A 103 16.95 -4.08 -13.05
C GLU A 103 16.04 -3.55 -11.96
N LEU A 104 14.82 -3.15 -12.30
CA LEU A 104 13.88 -2.75 -11.25
C LEU A 104 13.45 -3.92 -10.39
N LEU A 105 13.79 -5.17 -10.75
CA LEU A 105 13.52 -6.29 -9.87
C LEU A 105 14.63 -6.55 -8.86
N ALA A 106 15.73 -5.80 -8.90
CA ALA A 106 16.71 -5.88 -7.84
C ALA A 106 16.07 -5.45 -6.53
N ASP A 107 16.37 -6.20 -5.46
CA ASP A 107 15.65 -5.97 -4.22
C ASP A 107 15.92 -4.60 -3.60
N ASP A 108 17.06 -3.97 -3.89
CA ASP A 108 17.37 -2.67 -3.31
C ASP A 108 16.94 -1.49 -4.17
N HIS A 109 16.28 -1.73 -5.31
CA HIS A 109 15.81 -0.62 -6.11
C HIS A 109 14.73 0.16 -5.35
N PRO A 110 14.78 1.51 -5.38
CA PRO A 110 13.87 2.29 -4.51
C PRO A 110 12.39 2.16 -4.86
N ALA A 111 12.02 1.80 -6.08
CA ALA A 111 10.60 1.59 -6.38
C ALA A 111 10.04 0.33 -5.73
N ALA A 112 10.89 -0.55 -5.18
CA ALA A 112 10.49 -1.73 -4.40
C ALA A 112 9.65 -2.72 -5.20
N GLN A 113 9.77 -2.75 -6.53
CA GLN A 113 8.89 -3.59 -7.31
C GLN A 113 9.15 -5.09 -7.10
N ARG A 114 10.35 -5.49 -6.67
CA ARG A 114 10.53 -6.91 -6.39
C ARG A 114 9.57 -7.37 -5.30
N ALA A 115 9.52 -6.61 -4.21
CA ALA A 115 8.67 -7.01 -3.09
C ALA A 115 7.19 -6.91 -3.45
N TRP A 116 6.83 -5.90 -4.26
CA TRP A 116 5.46 -5.75 -4.72
C TRP A 116 5.02 -6.88 -5.64
N HIS A 117 5.96 -7.64 -6.22
CA HIS A 117 5.62 -8.79 -7.06
C HIS A 117 5.96 -10.12 -6.41
N ASP A 118 6.45 -10.11 -5.17
CA ASP A 118 6.84 -11.32 -4.47
C ASP A 118 5.59 -12.04 -3.96
N LEU A 119 5.36 -13.25 -4.45
CA LEU A 119 4.18 -14.06 -4.12
C LEU A 119 4.18 -14.54 -2.67
N THR A 120 5.31 -14.48 -1.98
CA THR A 120 5.32 -14.78 -0.55
C THR A 120 5.05 -13.55 0.31
N GLN A 121 4.97 -12.35 -0.25
CA GLN A 121 4.62 -11.16 0.50
C GLN A 121 3.16 -10.78 0.25
N ALA A 122 2.65 -9.85 1.07
CA ALA A 122 1.21 -9.75 1.29
C ALA A 122 0.44 -9.33 0.04
N VAL A 123 0.99 -8.44 -0.78
CA VAL A 123 0.15 -7.87 -1.84
C VAL A 123 0.07 -8.79 -3.05
N ALA A 124 1.22 -9.27 -3.55
CA ALA A 124 1.18 -10.20 -4.68
C ALA A 124 0.40 -11.46 -4.32
N ARG A 125 0.56 -11.94 -3.09
CA ARG A 125 -0.28 -13.03 -2.58
C ARG A 125 -1.75 -12.67 -2.64
N ALA A 126 -2.10 -11.47 -2.16
CA ALA A 126 -3.50 -11.03 -2.19
C ALA A 126 -4.04 -10.94 -3.62
N ASP A 127 -3.18 -10.57 -4.59
CA ASP A 127 -3.58 -10.43 -5.99
C ASP A 127 -4.16 -11.72 -6.56
N ILE A 128 -3.87 -12.88 -5.97
CA ILE A 128 -4.48 -14.12 -6.44
C ILE A 128 -6.01 -14.04 -6.36
N SER A 129 -6.54 -13.17 -5.50
CA SER A 129 -7.99 -12.92 -5.44
C SER A 129 -8.57 -12.51 -6.79
N PHE A 130 -7.74 -11.92 -7.66
CA PHE A 130 -8.23 -11.58 -9.00
C PHE A 130 -8.63 -12.81 -9.81
N THR A 131 -8.13 -14.01 -9.46
CA THR A 131 -8.55 -15.20 -10.21
C THR A 131 -10.04 -15.47 -10.04
N ARG A 132 -10.68 -14.88 -9.03
CA ARG A 132 -12.11 -15.04 -8.83
C ARG A 132 -12.86 -13.73 -9.07
N LEU A 133 -12.31 -12.86 -9.90
CA LEU A 133 -12.97 -11.59 -10.21
C LEU A 133 -14.43 -11.74 -10.64
N PRO A 134 -14.83 -12.73 -11.46
CA PRO A 134 -16.26 -12.83 -11.78
C PRO A 134 -17.16 -12.86 -10.55
N ASP A 135 -16.78 -13.64 -9.52
CA ASP A 135 -17.56 -13.67 -8.28
C ASP A 135 -17.68 -12.28 -7.66
N ALA A 136 -16.58 -11.51 -7.65
CA ALA A 136 -16.63 -10.17 -7.09
C ALA A 136 -17.50 -9.23 -7.91
N ILE A 137 -17.54 -9.40 -9.24
CA ILE A 137 -18.42 -8.56 -10.03
C ILE A 137 -19.88 -8.98 -9.83
N ARG A 138 -20.13 -10.26 -9.62
CA ARG A 138 -21.50 -10.73 -9.44
C ARG A 138 -22.07 -10.30 -8.08
N THR A 139 -21.24 -10.30 -7.04
CA THR A 139 -21.70 -10.09 -5.67
C THR A 139 -21.29 -8.76 -5.06
N GLY A 140 -20.28 -8.07 -5.62
CA GLY A 140 -19.71 -6.92 -4.97
C GLY A 140 -18.88 -7.20 -3.73
N ARG A 141 -18.68 -8.51 -3.37
CA ARG A 141 -18.00 -8.90 -2.15
C ARG A 141 -16.59 -9.38 -2.47
N PRO A 142 -15.63 -9.17 -1.56
CA PRO A 142 -14.24 -9.60 -1.82
C PRO A 142 -14.11 -11.12 -1.90
N THR A 143 -13.09 -11.56 -2.65
CA THR A 143 -12.81 -12.98 -2.88
C THR A 143 -11.63 -13.50 -2.07
N TYR A 144 -10.92 -12.62 -1.37
CA TYR A 144 -9.72 -13.03 -0.65
C TYR A 144 -10.03 -14.15 0.35
N GLU A 145 -11.11 -13.99 1.12
CA GLU A 145 -11.45 -14.98 2.15
C GLU A 145 -11.75 -16.34 1.53
N SER A 146 -12.43 -16.37 0.38
CA SER A 146 -12.73 -17.63 -0.27
C SER A 146 -11.47 -18.38 -0.67
N ILE A 147 -10.37 -17.67 -0.84
CA ILE A 147 -9.12 -18.31 -1.25
C ILE A 147 -8.25 -18.66 -0.05
N TYR A 148 -8.11 -17.75 0.93
CA TYR A 148 -7.14 -17.90 1.99
C TYR A 148 -7.74 -18.22 3.36
N GLY A 149 -9.07 -18.32 3.46
CA GLY A 149 -9.72 -18.80 4.68
C GLY A 149 -10.14 -17.74 5.66
N LYS A 150 -9.56 -16.54 5.60
CA LYS A 150 -9.94 -15.45 6.49
C LYS A 150 -9.94 -14.16 5.70
N PRO A 151 -10.72 -13.16 6.13
CA PRO A 151 -10.61 -11.85 5.50
C PRO A 151 -9.23 -11.25 5.72
N PHE A 152 -8.90 -10.30 4.85
CA PHE A 152 -7.53 -9.80 4.68
C PHE A 152 -6.80 -9.53 6.00
N TYR A 153 -7.30 -8.60 6.81
CA TYR A 153 -6.57 -8.20 8.01
C TYR A 153 -6.61 -9.27 9.09
N GLU A 154 -7.62 -10.12 9.11
CA GLU A 154 -7.60 -11.24 10.04
C GLU A 154 -6.58 -12.28 9.62
N ASP A 155 -6.41 -12.49 8.30
CA ASP A 155 -5.35 -13.36 7.82
C ASP A 155 -3.98 -12.81 8.20
N LEU A 156 -3.75 -11.50 8.03
CA LEU A 156 -2.48 -10.91 8.46
C LEU A 156 -2.26 -11.07 9.96
N ALA A 157 -3.33 -10.97 10.76
CA ALA A 157 -3.20 -11.06 12.21
C ALA A 157 -2.73 -12.45 12.64
N GLY A 158 -3.00 -13.48 11.84
CA GLY A 158 -2.50 -14.81 12.07
C GLY A 158 -1.20 -15.16 11.37
N ARG A 159 -0.66 -14.26 10.56
CA ARG A 159 0.55 -14.55 9.78
C ARG A 159 1.55 -13.42 9.98
N PRO A 160 2.44 -13.55 10.97
CA PRO A 160 3.38 -12.45 11.27
C PRO A 160 4.25 -12.08 10.08
N ASP A 161 4.57 -13.04 9.21
CA ASP A 161 5.36 -12.74 8.03
C ASP A 161 4.60 -11.83 7.06
N LEU A 162 3.31 -12.09 6.85
CA LEU A 162 2.49 -11.26 5.95
C LEU A 162 2.15 -9.90 6.59
N ARG A 163 1.84 -9.88 7.89
CA ARG A 163 1.67 -8.62 8.60
C ARG A 163 2.88 -7.70 8.40
N ALA A 164 4.08 -8.28 8.56
CA ALA A 164 5.30 -7.48 8.46
C ALA A 164 5.58 -7.04 7.02
N SER A 165 5.41 -7.92 6.03
CA SER A 165 5.70 -7.49 4.67
C SER A 165 4.67 -6.47 4.18
N PHE A 166 3.40 -6.65 4.56
CA PHE A 166 2.40 -5.65 4.22
C PHE A 166 2.79 -4.27 4.76
N ASP A 167 3.17 -4.22 6.05
CA ASP A 167 3.52 -2.94 6.65
C ASP A 167 4.71 -2.30 5.94
N SER A 168 5.69 -3.13 5.54
CA SER A 168 6.85 -2.61 4.80
C SER A 168 6.47 -2.13 3.40
N LEU A 169 5.58 -2.87 2.71
CA LEU A 169 5.11 -2.44 1.40
C LEU A 169 4.39 -1.10 1.48
N MET A 170 3.60 -0.89 2.53
CA MET A 170 2.87 0.37 2.64
C MET A 170 3.80 1.57 2.82
N THR A 171 5.04 1.36 3.26
CA THR A 171 6.00 2.46 3.34
C THR A 171 6.72 2.73 2.02
N THR A 172 6.45 1.95 0.96
CA THR A 172 7.09 2.16 -0.33
C THR A 172 6.13 2.65 -1.41
N ARG A 173 5.00 3.27 -1.04
CA ARG A 173 4.04 3.71 -2.04
C ARG A 173 4.51 4.98 -2.76
N GLU A 174 5.17 5.89 -2.04
CA GLU A 174 5.58 7.18 -2.60
C GLU A 174 7.02 7.47 -2.17
N ASP A 175 7.66 8.38 -2.90
CA ASP A 175 9.09 8.63 -2.71
C ASP A 175 9.40 9.72 -1.69
N THR A 176 8.40 10.46 -1.21
CA THR A 176 8.68 11.53 -0.27
C THR A 176 8.66 11.06 1.18
N ALA A 177 8.36 9.78 1.44
CA ALA A 177 8.21 9.28 2.81
C ALA A 177 7.29 10.20 3.61
N PHE A 178 6.10 10.47 3.03
CA PHE A 178 5.04 11.29 3.59
C PHE A 178 5.40 12.77 3.72
N ALA A 179 6.52 13.21 3.13
CA ALA A 179 6.87 14.63 3.22
C ALA A 179 5.88 15.50 2.46
N ALA A 180 5.40 15.02 1.31
CA ALA A 180 4.48 15.85 0.52
C ALA A 180 3.12 16.01 1.19
N PRO A 181 2.46 14.95 1.70
CA PRO A 181 1.20 15.20 2.43
C PRO A 181 1.41 16.03 3.69
N ALA A 182 2.48 15.77 4.44
CA ALA A 182 2.75 16.59 5.62
C ALA A 182 2.94 18.05 5.27
N ALA A 183 3.50 18.36 4.09
CA ALA A 183 3.70 19.75 3.70
C ALA A 183 2.45 20.40 3.12
N ALA A 184 1.39 19.64 2.84
CA ALA A 184 0.19 20.18 2.21
C ALA A 184 -0.81 20.74 3.22
N TYR A 185 -0.45 20.79 4.50
CA TYR A 185 -1.39 21.24 5.51
C TYR A 185 -0.65 22.12 6.52
N ASP A 186 -1.35 23.11 7.04
CA ASP A 186 -0.78 24.08 7.98
C ASP A 186 -1.02 23.60 9.41
N TRP A 187 0.08 23.26 10.11
CA TRP A 187 0.04 22.68 11.46
C TRP A 187 0.09 23.70 12.60
N THR A 188 -0.01 25.01 12.29
CA THR A 188 0.22 26.04 13.31
C THR A 188 -0.71 25.86 14.51
N ASN A 189 -2.00 25.67 14.27
CA ASN A 189 -2.99 25.58 15.33
C ASN A 189 -3.24 24.16 15.80
N VAL A 190 -2.36 23.22 15.48
CA VAL A 190 -2.51 21.82 15.88
C VAL A 190 -1.55 21.57 17.03
N ARG A 191 -2.07 21.04 18.13
CA ARG A 191 -1.21 20.58 19.21
C ARG A 191 -1.03 19.07 19.24
N HIS A 192 -2.05 18.30 18.88
CA HIS A 192 -1.92 16.84 18.87
C HIS A 192 -2.55 16.24 17.62
N VAL A 193 -1.86 15.26 17.04
CA VAL A 193 -2.32 14.55 15.86
C VAL A 193 -2.59 13.10 16.25
N LEU A 194 -3.75 12.59 15.85
CA LEU A 194 -4.06 11.16 15.99
C LEU A 194 -4.02 10.54 14.61
N ASP A 195 -3.08 9.60 14.40
CA ASP A 195 -2.91 8.92 13.10
C ASP A 195 -3.63 7.58 13.19
N VAL A 196 -4.86 7.53 12.68
CA VAL A 196 -5.73 6.37 12.85
C VAL A 196 -5.40 5.33 11.78
N GLY A 197 -4.99 4.13 12.21
CA GLY A 197 -4.46 3.14 11.28
C GLY A 197 -3.21 3.63 10.59
N GLY A 198 -2.30 4.27 11.35
CA GLY A 198 -1.18 4.98 10.76
C GLY A 198 0.03 4.14 10.35
N GLY A 199 -0.17 2.82 10.20
CA GLY A 199 0.93 1.95 9.75
C GLY A 199 2.09 1.97 10.74
N LYS A 200 3.30 2.04 10.21
CA LYS A 200 4.51 2.14 11.04
C LYS A 200 4.79 3.56 11.55
N GLY A 201 3.88 4.51 11.35
CA GLY A 201 4.03 5.85 11.88
C GLY A 201 4.77 6.82 10.98
N GLY A 202 4.98 6.47 9.70
CA GLY A 202 5.75 7.32 8.80
C GLY A 202 5.12 8.69 8.59
N PHE A 203 3.78 8.74 8.57
CA PHE A 203 3.09 10.01 8.40
C PHE A 203 3.20 10.86 9.65
N ALA A 204 3.03 10.24 10.81
CA ALA A 204 3.20 10.96 12.07
C ALA A 204 4.61 11.49 12.21
N ALA A 205 5.60 10.68 11.78
CA ALA A 205 6.98 11.13 11.79
C ALA A 205 7.18 12.35 10.90
N ALA A 206 6.61 12.34 9.68
CA ALA A 206 6.83 13.46 8.76
C ALA A 206 6.22 14.74 9.32
N ILE A 207 5.06 14.65 9.95
CA ILE A 207 4.48 15.84 10.58
C ILE A 207 5.36 16.34 11.70
N ALA A 208 5.91 15.42 12.50
CA ALA A 208 6.73 15.81 13.65
C ALA A 208 7.99 16.55 13.19
N ARG A 209 8.63 16.08 12.12
CA ARG A 209 9.78 16.78 11.58
C ARG A 209 9.38 18.14 11.03
N ARG A 210 8.25 18.18 10.33
CA ARG A 210 7.74 19.42 9.76
C ARG A 210 7.36 20.43 10.83
N ALA A 211 6.78 19.99 11.93
CA ALA A 211 6.13 20.88 12.91
C ALA A 211 6.62 20.55 14.32
N PRO A 212 7.61 21.29 14.84
CA PRO A 212 8.27 20.87 16.09
C PRO A 212 7.40 20.91 17.33
N HIS A 213 6.30 21.65 17.31
CA HIS A 213 5.44 21.80 18.48
C HIS A 213 4.39 20.69 18.61
N VAL A 214 4.21 19.85 17.60
CA VAL A 214 3.13 18.86 17.60
C VAL A 214 3.59 17.58 18.30
N SER A 215 2.69 16.98 19.08
CA SER A 215 2.83 15.60 19.53
C SER A 215 1.82 14.73 18.77
N ALA A 216 2.07 13.43 18.74
CA ALA A 216 1.20 12.57 17.94
C ALA A 216 1.03 11.21 18.60
N THR A 217 -0.03 10.53 18.16
CA THR A 217 -0.38 9.19 18.60
C THR A 217 -0.77 8.40 17.36
N VAL A 218 -0.19 7.21 17.20
CA VAL A 218 -0.54 6.28 16.13
C VAL A 218 -1.41 5.19 16.73
N LEU A 219 -2.56 4.94 16.13
CA LEU A 219 -3.44 3.84 16.54
C LEU A 219 -3.32 2.74 15.50
N GLU A 220 -2.93 1.54 15.92
CA GLU A 220 -2.70 0.46 14.97
C GLU A 220 -3.04 -0.89 15.58
N MET A 221 -2.96 -1.92 14.73
CA MET A 221 -3.26 -3.30 15.13
C MET A 221 -2.04 -3.95 15.80
N ALA A 222 -2.29 -5.10 16.44
CA ALA A 222 -1.23 -5.92 16.99
C ALA A 222 -0.20 -6.27 15.92
N GLY A 223 1.06 -6.44 16.34
CA GLY A 223 2.15 -6.65 15.42
C GLY A 223 2.65 -5.35 14.82
N THR A 224 1.78 -4.67 14.09
CA THR A 224 2.17 -3.38 13.51
C THR A 224 2.60 -2.37 14.57
N VAL A 225 2.01 -2.42 15.77
CA VAL A 225 2.36 -1.41 16.76
C VAL A 225 3.83 -1.52 17.17
N ASP A 226 4.36 -2.75 17.18
CA ASP A 226 5.76 -2.95 17.56
C ASP A 226 6.72 -2.40 16.52
N THR A 227 6.43 -2.60 15.22
CA THR A 227 7.33 -2.04 14.22
C THR A 227 7.17 -0.53 14.13
N ALA A 228 5.97 0.00 14.40
CA ALA A 228 5.82 1.45 14.50
C ALA A 228 6.69 1.98 15.63
N ARG A 229 6.64 1.34 16.80
CA ARG A 229 7.42 1.79 17.95
C ARG A 229 8.92 1.77 17.65
N SER A 230 9.41 0.69 17.03
CA SER A 230 10.81 0.61 16.64
C SER A 230 11.19 1.68 15.62
N TYR A 231 10.33 1.88 14.61
CA TYR A 231 10.63 2.92 13.62
C TYR A 231 10.70 4.29 14.27
N LEU A 232 9.73 4.63 15.13
CA LEU A 232 9.72 5.96 15.74
C LEU A 232 10.90 6.14 16.69
N LYS A 233 11.27 5.09 17.43
CA LYS A 233 12.50 5.14 18.23
C LYS A 233 13.70 5.49 17.35
N ASP A 234 13.86 4.76 16.25
CA ASP A 234 15.05 4.90 15.40
C ASP A 234 15.08 6.22 14.65
N GLU A 235 13.94 6.91 14.53
CA GLU A 235 13.92 8.28 14.02
C GLU A 235 14.27 9.30 15.09
N GLY A 236 14.45 8.89 16.33
CA GLY A 236 14.59 9.84 17.43
C GLY A 236 13.30 10.56 17.76
N LEU A 237 12.15 9.91 17.58
CA LEU A 237 10.86 10.57 17.77
C LEU A 237 10.04 9.94 18.90
N SER A 238 10.63 9.03 19.67
CA SER A 238 9.88 8.29 20.69
C SER A 238 9.28 9.23 21.72
N ASP A 239 9.89 10.38 21.95
CA ASP A 239 9.37 11.35 22.90
C ASP A 239 8.22 12.17 22.35
N ARG A 240 8.00 12.14 21.04
CA ARG A 240 6.98 12.98 20.41
C ARG A 240 5.82 12.21 19.78
N VAL A 241 6.00 10.92 19.48
CA VAL A 241 4.94 10.12 18.87
C VAL A 241 4.78 8.85 19.69
N ASP A 242 3.60 8.66 20.28
CA ASP A 242 3.22 7.42 20.96
C ASP A 242 2.49 6.47 20.00
N VAL A 243 2.43 5.20 20.38
CA VAL A 243 1.71 4.19 19.61
C VAL A 243 0.74 3.47 20.55
N VAL A 244 -0.51 3.35 20.15
CA VAL A 244 -1.53 2.65 20.91
C VAL A 244 -2.09 1.51 20.05
N GLU A 245 -2.18 0.32 20.65
CA GLU A 245 -2.80 -0.82 19.99
C GLU A 245 -4.30 -0.72 20.21
N GLY A 246 -5.07 -0.86 19.14
CA GLY A 246 -6.51 -0.72 19.29
CA GLY A 246 -6.51 -0.72 19.29
C GLY A 246 -7.22 -0.96 17.99
N ASP A 247 -8.51 -0.66 18.02
CA ASP A 247 -9.46 -0.96 16.96
C ASP A 247 -10.19 0.34 16.64
N PHE A 248 -10.00 0.87 15.43
CA PHE A 248 -10.59 2.17 15.14
C PHE A 248 -12.10 2.10 14.89
N PHE A 249 -12.73 0.92 15.02
CA PHE A 249 -14.18 0.85 15.12
C PHE A 249 -14.68 1.08 16.55
N GLU A 250 -13.79 1.14 17.52
CA GLU A 250 -14.12 1.41 18.91
C GLU A 250 -13.81 2.86 19.25
N PRO A 251 -14.29 3.37 20.38
CA PRO A 251 -13.96 4.76 20.74
C PRO A 251 -12.46 4.96 20.72
N LEU A 252 -12.02 6.08 20.14
CA LEU A 252 -10.60 6.32 19.94
C LEU A 252 -9.93 6.60 21.28
N PRO A 253 -8.62 6.35 21.39
CA PRO A 253 -7.99 6.41 22.72
C PRO A 253 -7.91 7.80 23.32
N ARG A 254 -8.03 8.86 22.52
CA ARG A 254 -7.95 10.22 23.04
C ARG A 254 -8.43 11.17 21.95
N LYS A 255 -8.58 12.44 22.31
CA LYS A 255 -8.98 13.50 21.40
C LYS A 255 -7.76 14.08 20.70
N ALA A 256 -8.01 14.79 19.60
CA ALA A 256 -6.90 15.39 18.86
C ALA A 256 -7.43 16.55 18.04
N ASP A 257 -6.50 17.43 17.62
CA ASP A 257 -6.81 18.55 16.75
C ASP A 257 -6.76 18.21 15.28
N ALA A 258 -5.99 17.18 14.91
CA ALA A 258 -6.01 16.68 13.55
C ALA A 258 -6.02 15.16 13.64
N ILE A 259 -6.93 14.53 12.92
CA ILE A 259 -7.08 13.09 12.91
C ILE A 259 -6.88 12.62 11.48
N ILE A 260 -5.87 11.79 11.26
CA ILE A 260 -5.43 11.40 9.93
C ILE A 260 -5.97 10.01 9.61
N LEU A 261 -6.58 9.89 8.42
CA LEU A 261 -6.95 8.61 7.82
C LEU A 261 -6.18 8.51 6.49
N SER A 262 -5.03 7.88 6.53
CA SER A 262 -4.16 7.77 5.36
C SER A 262 -4.27 6.36 4.78
N PHE A 263 -4.83 6.27 3.58
CA PHE A 263 -5.08 4.99 2.91
C PHE A 263 -5.72 3.98 3.86
N VAL A 264 -6.76 4.44 4.55
CA VAL A 264 -7.57 3.59 5.43
C VAL A 264 -8.95 3.37 4.82
N LEU A 265 -9.65 4.46 4.48
CA LEU A 265 -11.08 4.35 4.19
C LEU A 265 -11.34 3.57 2.90
N LEU A 266 -10.42 3.62 1.94
CA LEU A 266 -10.58 2.85 0.72
C LEU A 266 -10.59 1.34 0.98
N ASN A 267 -10.09 0.89 2.14
CA ASN A 267 -10.15 -0.52 2.53
C ASN A 267 -11.55 -0.99 2.90
N TRP A 268 -12.54 -0.09 2.97
CA TRP A 268 -13.80 -0.45 3.64
C TRP A 268 -15.01 -0.09 2.80
N PRO A 269 -16.06 -0.91 2.85
CA PRO A 269 -17.34 -0.50 2.26
C PRO A 269 -17.89 0.72 2.97
N ASP A 270 -18.87 1.35 2.33
CA ASP A 270 -19.37 2.65 2.78
C ASP A 270 -19.80 2.63 4.24
N HIS A 271 -20.52 1.60 4.68
CA HIS A 271 -21.04 1.64 6.04
C HIS A 271 -19.92 1.54 7.06
N ASP A 272 -18.87 0.78 6.76
CA ASP A 272 -17.73 0.70 7.66
C ASP A 272 -16.94 2.00 7.68
N ALA A 273 -16.74 2.60 6.51
CA ALA A 273 -16.07 3.89 6.42
C ALA A 273 -16.80 4.96 7.22
N VAL A 274 -18.13 4.91 7.21
CA VAL A 274 -18.91 5.86 8.00
C VAL A 274 -18.71 5.63 9.50
N ARG A 275 -18.61 4.36 9.91
CA ARG A 275 -18.33 4.06 11.31
C ARG A 275 -17.00 4.64 11.75
N ILE A 276 -15.96 4.46 10.92
CA ILE A 276 -14.63 5.01 11.24
C ILE A 276 -14.70 6.53 11.31
N LEU A 277 -15.27 7.16 10.28
CA LEU A 277 -15.38 8.62 10.29
C LEU A 277 -16.13 9.11 11.52
N THR A 278 -17.13 8.35 11.94
CA THR A 278 -17.91 8.76 13.11
C THR A 278 -17.06 8.69 14.37
N ARG A 279 -16.29 7.61 14.55
CA ARG A 279 -15.38 7.54 15.69
C ARG A 279 -14.42 8.73 15.71
N CYS A 280 -13.90 9.10 14.53
CA CYS A 280 -13.00 10.24 14.42
C CYS A 280 -13.69 11.55 14.78
N ALA A 281 -14.92 11.74 14.29
CA ALA A 281 -15.70 12.94 14.64
C ALA A 281 -15.87 13.08 16.14
N GLU A 282 -16.18 11.97 16.81
CA GLU A 282 -16.35 11.96 18.26
C GLU A 282 -15.08 12.33 19.01
N ALA A 283 -13.92 12.13 18.41
CA ALA A 283 -12.64 12.39 19.05
C ALA A 283 -12.02 13.72 18.63
N LEU A 284 -12.72 14.53 17.84
CA LEU A 284 -12.18 15.81 17.42
C LEU A 284 -12.28 16.84 18.55
N GLU A 285 -11.19 17.56 18.82
CA GLU A 285 -11.24 18.74 19.65
C GLU A 285 -12.03 19.83 18.93
N PRO A 286 -12.53 20.83 19.67
CA PRO A 286 -13.14 22.00 19.01
C PRO A 286 -12.16 22.66 18.04
N GLY A 287 -12.66 22.94 16.85
CA GLY A 287 -11.82 23.46 15.80
C GLY A 287 -10.97 22.45 15.06
N GLY A 288 -11.01 21.17 15.45
CA GLY A 288 -10.19 20.16 14.80
C GLY A 288 -10.70 19.77 13.42
N ARG A 289 -9.84 19.07 12.69
CA ARG A 289 -10.15 18.62 11.33
C ARG A 289 -9.73 17.16 11.15
N ILE A 290 -10.43 16.48 10.25
CA ILE A 290 -10.07 15.14 9.84
C ILE A 290 -9.44 15.23 8.46
N LEU A 291 -8.26 14.64 8.30
CA LEU A 291 -7.53 14.65 7.03
C LEU A 291 -7.57 13.24 6.46
N ILE A 292 -8.24 13.08 5.32
CA ILE A 292 -8.23 11.82 4.57
C ILE A 292 -7.16 11.95 3.50
N HIS A 293 -6.16 11.09 3.56
CA HIS A 293 -5.09 11.05 2.55
C HIS A 293 -5.28 9.77 1.75
N GLU A 294 -5.67 9.94 0.48
CA GLU A 294 -6.09 8.82 -0.37
C GLU A 294 -6.03 9.24 -1.83
N ARG A 295 -5.90 8.25 -2.70
N ARG A 295 -5.94 8.25 -2.70
CA ARG A 295 -6.09 8.49 -4.12
CA ARG A 295 -6.09 8.48 -4.13
C ARG A 295 -7.58 8.69 -4.39
C ARG A 295 -7.57 8.67 -4.45
N ALA A 296 -7.93 9.87 -4.91
CA ALA A 296 -9.32 10.14 -5.24
C ALA A 296 -9.66 9.53 -6.60
N ASP A 297 -10.89 9.03 -6.72
CA ASP A 297 -11.44 8.65 -8.02
C ASP A 297 -11.81 9.90 -8.83
N VAL A 298 -11.58 9.86 -10.14
CA VAL A 298 -11.96 10.99 -11.01
C VAL A 298 -12.73 10.58 -12.26
N ARG A 305 -4.42 9.41 -13.40
CA ARG A 305 -4.87 8.41 -14.38
C ARG A 305 -4.29 7.01 -14.08
N PHE A 306 -3.03 6.81 -14.44
CA PHE A 306 -2.42 5.47 -14.44
C PHE A 306 -2.45 4.85 -13.05
N GLY A 307 -2.98 3.62 -12.98
CA GLY A 307 -3.04 2.87 -11.75
C GLY A 307 -4.29 3.07 -10.92
N SER A 308 -5.16 3.99 -11.32
CA SER A 308 -6.38 4.23 -10.57
C SER A 308 -7.27 2.97 -10.55
N THR A 309 -7.46 2.34 -11.71
CA THR A 309 -8.33 1.18 -11.78
C THR A 309 -7.70 -0.04 -11.12
N LEU A 310 -6.36 -0.15 -11.13
CA LEU A 310 -5.70 -1.23 -10.40
C LEU A 310 -5.98 -1.14 -8.91
N LEU A 311 -5.76 0.03 -8.31
CA LEU A 311 -6.00 0.17 -6.88
C LEU A 311 -7.48 -0.02 -6.55
N ASP A 312 -8.38 0.50 -7.39
CA ASP A 312 -9.82 0.34 -7.14
C ASP A 312 -10.23 -1.13 -7.16
N LEU A 313 -9.77 -1.89 -8.16
CA LEU A 313 -10.17 -3.30 -8.24
C LEU A 313 -9.45 -4.13 -7.18
N ARG A 314 -8.23 -3.76 -6.80
CA ARG A 314 -7.60 -4.40 -5.65
C ARG A 314 -8.49 -4.28 -4.42
N MET A 315 -9.00 -3.07 -4.15
CA MET A 315 -9.83 -2.86 -2.98
C MET A 315 -11.09 -3.71 -3.05
N LEU A 316 -11.71 -3.80 -4.24
CA LEU A 316 -12.85 -4.69 -4.41
C LEU A 316 -12.50 -6.13 -4.02
N VAL A 317 -11.48 -6.73 -4.65
CA VAL A 317 -11.31 -8.17 -4.43
C VAL A 317 -10.58 -8.49 -3.12
N PHE A 318 -9.71 -7.60 -2.61
CA PHE A 318 -9.05 -7.86 -1.34
C PHE A 318 -10.03 -7.70 -0.18
N LEU A 319 -10.82 -6.64 -0.21
CA LEU A 319 -11.42 -6.07 0.99
C LEU A 319 -12.88 -5.66 0.84
N GLY A 320 -13.41 -5.54 -0.37
CA GLY A 320 -14.72 -4.96 -0.55
C GLY A 320 -14.74 -3.45 -0.46
N GLY A 321 -13.56 -2.80 -0.48
CA GLY A 321 -13.48 -1.36 -0.48
C GLY A 321 -13.59 -0.80 -1.88
N ALA A 322 -13.21 0.48 -2.02
CA ALA A 322 -13.37 1.19 -3.29
C ALA A 322 -12.71 2.56 -3.21
N LEU A 323 -12.25 3.06 -4.36
CA LEU A 323 -11.92 4.48 -4.50
C LEU A 323 -13.18 5.30 -4.68
N ARG A 324 -13.15 6.55 -4.18
CA ARG A 324 -14.35 7.37 -4.14
C ARG A 324 -14.12 8.73 -4.80
N THR A 325 -15.13 9.20 -5.49
CA THR A 325 -15.14 10.55 -6.05
C THR A 325 -15.49 11.55 -4.96
N ARG A 326 -15.31 12.83 -5.29
CA ARG A 326 -15.72 13.92 -4.40
C ARG A 326 -17.19 13.81 -3.99
N GLU A 327 -18.07 13.54 -4.96
CA GLU A 327 -19.50 13.47 -4.63
C GLU A 327 -19.79 12.31 -3.70
N LYS A 328 -19.12 11.18 -3.91
CA LYS A 328 -19.27 10.06 -2.99
C LYS A 328 -18.78 10.43 -1.60
N TRP A 329 -17.65 11.16 -1.51
CA TRP A 329 -17.12 11.59 -0.22
C TRP A 329 -18.10 12.53 0.50
N ASP A 330 -18.77 13.40 -0.26
CA ASP A 330 -19.76 14.30 0.32
C ASP A 330 -20.81 13.53 1.08
N GLY A 331 -21.32 12.44 0.47
CA GLY A 331 -22.34 11.65 1.14
C GLY A 331 -21.82 10.92 2.35
N LEU A 332 -20.62 10.34 2.25
CA LEU A 332 -20.04 9.65 3.41
C LEU A 332 -19.82 10.62 4.56
N ALA A 333 -19.24 11.79 4.27
CA ALA A 333 -19.02 12.78 5.32
C ALA A 333 -20.34 13.19 5.97
N ALA A 334 -21.36 13.51 5.15
CA ALA A 334 -22.66 13.89 5.71
C ALA A 334 -23.19 12.81 6.66
N SER A 335 -23.09 11.53 6.26
CA SER A 335 -23.53 10.43 7.12
C SER A 335 -22.77 10.39 8.45
N ALA A 336 -21.55 10.93 8.50
CA ALA A 336 -20.77 10.92 9.73
C ALA A 336 -20.85 12.24 10.49
N GLY A 337 -21.74 13.14 10.09
CA GLY A 337 -21.83 14.43 10.73
C GLY A 337 -20.73 15.39 10.34
N LEU A 338 -20.22 15.29 9.11
CA LEU A 338 -19.09 16.04 8.66
C LEU A 338 -19.39 16.65 7.31
N VAL A 339 -18.53 17.58 6.90
CA VAL A 339 -18.58 18.16 5.57
C VAL A 339 -17.15 18.23 5.03
N VAL A 340 -17.01 18.04 3.72
CA VAL A 340 -15.72 18.20 3.06
C VAL A 340 -15.46 19.70 2.93
N GLU A 341 -14.45 20.20 3.66
CA GLU A 341 -14.11 21.61 3.57
C GLU A 341 -13.25 21.91 2.35
N GLU A 342 -12.36 20.99 1.98
CA GLU A 342 -11.35 21.29 0.99
C GLU A 342 -10.68 19.99 0.54
N VAL A 343 -10.36 19.90 -0.76
CA VAL A 343 -9.57 18.81 -1.32
C VAL A 343 -8.30 19.41 -1.89
N ARG A 344 -7.15 19.01 -1.36
CA ARG A 344 -5.87 19.50 -1.86
C ARG A 344 -5.36 18.50 -2.87
N GLY A 345 -5.42 18.91 -4.16
CA GLY A 345 -5.39 17.99 -5.26
C GLY A 345 -4.07 17.29 -5.39
N PRO A 346 -3.98 16.37 -6.38
CA PRO A 346 -2.86 15.42 -6.46
C PRO A 346 -1.54 15.99 -6.00
N LEU A 347 -0.94 15.36 -5.00
CA LEU A 347 0.23 15.92 -4.33
C LEU A 347 1.46 15.83 -5.22
N VAL A 348 2.32 16.82 -5.09
CA VAL A 348 3.47 16.96 -5.97
C VAL A 348 4.75 16.54 -5.23
N SER A 349 5.65 15.92 -5.98
CA SER A 349 7.00 15.60 -5.56
C SER A 349 7.97 16.15 -6.59
N PRO A 350 9.21 16.47 -6.19
CA PRO A 350 10.22 16.84 -7.19
C PRO A 350 10.50 15.74 -8.21
N ASN A 351 10.04 14.52 -7.97
CA ASN A 351 10.45 13.36 -8.77
C ASN A 351 9.24 12.68 -9.40
N VAL A 352 8.85 11.51 -8.91
CA VAL A 352 7.68 10.84 -9.45
C VAL A 352 6.45 11.37 -8.71
N PRO A 353 5.41 11.76 -9.42
CA PRO A 353 4.29 12.44 -8.76
C PRO A 353 3.49 11.51 -7.85
N LEU A 354 3.04 12.06 -6.73
CA LEU A 354 2.10 11.33 -5.88
C LEU A 354 0.72 11.33 -6.52
N ASP A 355 0.12 10.14 -6.59
CA ASP A 355 -1.25 10.04 -7.08
C ASP A 355 -2.28 10.44 -6.02
N SER A 356 -1.86 10.79 -4.81
CA SER A 356 -2.81 10.93 -3.71
C SER A 356 -3.24 12.38 -3.51
N CYS A 357 -4.32 12.54 -2.75
CA CYS A 357 -4.91 13.81 -2.39
C CYS A 357 -5.18 13.83 -0.90
N LEU A 358 -5.44 15.04 -0.40
CA LEU A 358 -5.75 15.29 1.01
C LEU A 358 -7.11 15.95 1.10
N LEU A 359 -8.10 15.24 1.61
CA LEU A 359 -9.42 15.83 1.89
C LEU A 359 -9.43 16.34 3.32
N VAL A 360 -9.90 17.56 3.51
CA VAL A 360 -10.00 18.18 4.83
C VAL A 360 -11.48 18.24 5.20
N LEU A 361 -11.86 17.58 6.29
CA LEU A 361 -13.23 17.44 6.71
C LEU A 361 -13.45 18.11 8.07
N ALA A 362 -14.60 18.75 8.23
CA ALA A 362 -14.94 19.47 9.45
C ALA A 362 -16.31 19.02 9.93
N PRO A 363 -16.63 19.24 11.21
CA PRO A 363 -18.00 18.98 11.67
C PRO A 363 -19.01 19.76 10.83
N ALA A 364 -20.07 19.08 10.43
CA ALA A 364 -21.15 19.68 9.65
C ALA A 364 -21.74 20.94 10.33
N ALA A 365 -22.34 21.82 9.53
N SAH B . -1.78 4.79 7.20
CA SAH B . -0.70 3.94 6.70
CB SAH B . -1.16 2.47 6.57
CG SAH B . -2.33 2.24 5.63
SD SAH B . -2.74 0.48 5.43
C SAH B . -0.19 4.46 5.35
O SAH B . -0.70 5.43 4.78
OXT SAH B . 0.76 3.90 4.80
C5' SAH B . -4.24 0.55 6.46
C4' SAH B . -3.96 0.21 7.93
O4' SAH B . -5.15 0.08 8.68
C3' SAH B . -3.16 -1.08 8.15
O3' SAH B . -1.92 -0.72 8.70
C2' SAH B . -3.98 -1.89 9.16
O2' SAH B . -3.19 -2.44 10.20
C1' SAH B . -4.90 -0.83 9.74
N9 SAH B . -6.15 -1.36 10.27
C8 SAH B . -7.06 -2.21 9.68
N7 SAH B . -8.07 -2.40 10.57
C5 SAH B . -7.82 -1.70 11.69
C6 SAH B . -8.52 -1.55 12.88
N6 SAH B . -9.68 -2.16 13.10
N1 SAH B . -7.98 -0.76 13.86
C2 SAH B . -6.78 -0.11 13.67
N3 SAH B . -6.10 -0.26 12.49
C4 SAH B . -6.61 -1.06 11.53
C1 ZBX C . 1.18 2.66 -6.83
C3 ZBX C . 0.81 2.82 -4.39
C6 ZBX C . -2.18 1.29 -8.37
C7 ZBX C . -0.63 0.50 -4.39
C8 ZBX C . -1.01 -0.74 -3.89
C9 ZBX C . -1.80 -0.85 -2.76
C4 ZBX C . 0.26 0.61 -5.58
O5 ZBX C . -3.43 1.36 -0.40
C11 ZBX C . -2.98 -2.15 -1.11
C14 ZBX C . -4.59 -2.31 1.14
C16 ZBX C . -3.39 -1.01 -0.48
C17 ZBX C . -3.02 0.22 -0.99
C19 ZBX C . -1.86 1.51 -2.59
C21 ZBX C . -0.69 2.91 -4.23
C20 ZBX C . -1.08 1.61 -3.73
C18 ZBX C . -2.22 0.28 -2.11
C12 ZBX C . -3.36 -3.40 -0.62
C ZBX C . 2.44 2.38 -7.64
O ZBX C . 2.51 1.42 -5.27
C10 ZBX C . -2.19 -2.08 -2.25
C13 ZBX C . -4.16 -3.48 0.51
C15 ZBX C . -4.21 -1.07 0.65
C2 ZBX C . 1.18 1.88 -5.52
C22 ZBX C . -4.21 0.47 2.54
C5 ZBX C . -0.41 0.41 -6.92
O1 ZBX C . 0.25 0.02 -7.88
O2 ZBX C . -1.84 0.65 -7.14
O3 ZBX C . -1.78 -3.24 -2.83
O4 ZBX C . -4.64 0.09 1.26
O6 ZBX C . -2.31 2.62 -1.95
O7 ZBX C . -1.07 3.89 -3.27
#